data_5XFC
#
_entry.id   5XFC
#
_cell.length_a   71.210
_cell.length_b   91.050
_cell.length_c   53.750
_cell.angle_alpha   90.000
_cell.angle_beta   90.000
_cell.angle_gamma   90.000
#
_symmetry.space_group_name_H-M   'P 21 21 2'
#
loop_
_entity.id
_entity.type
_entity.pdbx_description
1 polymer 'Protein O-linked-mannose beta-1,2-N-acetylglucosaminyltransferase 1'
2 non-polymer '4-nitrophenyl beta-D-mannopyranoside'
3 water water
#
_entity_poly.entity_id   1
_entity_poly.type   'polypeptide(L)'
_entity_poly.pdbx_seq_one_letter_code
;GPLGSGSGPRRVLDVEVYSSRSKVYVAVDGTTVLEDEAREQGRGIHVIVLNQATGHV(MSE)AKRVFDTYSPHEDEA
(MSE)VLFLN(MSE)VAPGRVLICTVKDEGSFHLKDTAKALLRSLGSQAGPALGWRDTWAFVGRKGGPVFGEKHSKSPAL
SSWGDPVLLKTDVPLSSAE
;
_entity_poly.pdbx_strand_id   A,B
#
loop_
_chem_comp.id
_chem_comp.type
_chem_comp.name
_chem_comp.formula
MBE D-saccharide '4-nitrophenyl beta-D-mannopyranoside' 'C12 H15 N O8'
#
# COMPACT_ATOMS: atom_id res chain seq x y z
N ARG A 11 -12.31 -7.64 1.55
CA ARG A 11 -12.52 -6.87 2.77
C ARG A 11 -11.22 -6.26 3.26
N VAL A 12 -11.08 -6.15 4.57
CA VAL A 12 -9.88 -5.59 5.17
C VAL A 12 -9.53 -6.31 6.45
N LEU A 13 -8.26 -6.23 6.81
CA LEU A 13 -7.81 -6.68 8.12
C LEU A 13 -7.43 -5.44 8.92
N ASP A 14 -7.81 -5.43 10.19
CA ASP A 14 -7.35 -4.41 11.12
C ASP A 14 -6.09 -4.94 11.77
N VAL A 15 -4.96 -4.28 11.51
CA VAL A 15 -3.69 -4.75 12.06
C VAL A 15 -3.13 -3.76 13.05
N GLU A 16 -2.76 -4.26 14.23
CA GLU A 16 -2.16 -3.44 15.26
C GLU A 16 -0.79 -4.00 15.61
N VAL A 17 0.24 -3.16 15.56
CA VAL A 17 1.62 -3.63 15.77
C VAL A 17 2.31 -2.73 16.77
N TYR A 18 2.97 -3.34 17.75
CA TYR A 18 3.60 -2.59 18.83
C TYR A 18 5.07 -2.96 18.93
N SER A 19 5.92 -1.95 19.02
CA SER A 19 7.37 -2.12 19.13
C SER A 19 7.87 -1.29 20.30
N SER A 20 8.66 -1.90 21.16
CA SER A 20 9.19 -1.20 22.34
C SER A 20 10.40 -1.95 22.89
N ARG A 21 11.03 -1.36 23.90
CA ARG A 21 12.19 -1.96 24.55
C ARG A 21 11.91 -3.35 25.09
N SER A 22 10.75 -3.52 25.73
CA SER A 22 10.53 -4.73 26.52
C SER A 22 9.36 -5.58 26.05
N LYS A 23 8.65 -5.15 25.01
CA LYS A 23 7.42 -5.83 24.62
C LYS A 23 7.10 -5.61 23.16
N VAL A 24 6.76 -6.68 22.46
CA VAL A 24 6.12 -6.56 21.16
C VAL A 24 4.81 -7.32 21.14
N TYR A 25 3.88 -6.86 20.32
CA TYR A 25 2.71 -7.64 20.03
C TYR A 25 2.16 -7.30 18.65
N VAL A 26 1.41 -8.23 18.09
CA VAL A 26 0.68 -7.98 16.86
C VAL A 26 -0.71 -8.51 17.04
N ALA A 27 -1.70 -7.70 16.72
CA ALA A 27 -3.09 -8.12 16.75
C ALA A 27 -3.68 -7.98 15.36
N VAL A 28 -4.50 -8.95 14.98
CA VAL A 28 -5.16 -8.94 13.69
C VAL A 28 -6.64 -9.10 13.95
N ASP A 29 -7.43 -8.13 13.48
CA ASP A 29 -8.88 -8.09 13.73
C ASP A 29 -9.22 -8.24 15.22
N GLY A 30 -8.42 -7.62 16.08
CA GLY A 30 -8.70 -7.57 17.50
C GLY A 30 -8.25 -8.76 18.29
N THR A 31 -7.51 -9.65 17.64
CA THR A 31 -7.05 -10.90 18.24
C THR A 31 -5.52 -10.93 18.25
N THR A 32 -4.93 -11.21 19.40
CA THR A 32 -3.47 -11.21 19.52
C THR A 32 -2.85 -12.47 18.90
N VAL A 33 -2.03 -12.29 17.87
CA VAL A 33 -1.39 -13.43 17.22
C VAL A 33 0.07 -13.57 17.64
N LEU A 34 0.64 -12.49 18.18
CA LEU A 34 2.00 -12.53 18.71
C LEU A 34 2.04 -11.65 19.94
N GLU A 35 2.62 -12.16 21.02
CA GLU A 35 2.82 -11.35 22.21
C GLU A 35 4.05 -11.83 22.93
N ASP A 36 5.02 -10.95 23.07
CA ASP A 36 6.26 -11.31 23.74
C ASP A 36 6.63 -10.21 24.72
N GLU A 37 6.37 -10.48 26.00
CA GLU A 37 6.64 -9.53 27.07
C GLU A 37 7.68 -10.07 28.04
N ALA A 38 8.41 -11.11 27.62
CA ALA A 38 9.41 -11.74 28.47
C ALA A 38 10.66 -10.87 28.60
N ARG A 39 11.25 -10.87 29.79
CA ARG A 39 12.28 -9.88 30.12
C ARG A 39 13.56 -9.95 29.28
N GLU A 40 14.19 -11.12 29.20
CA GLU A 40 15.41 -11.23 28.40
C GLU A 40 15.31 -12.31 27.34
N GLN A 41 14.18 -12.33 26.64
CA GLN A 41 13.97 -13.23 25.52
C GLN A 41 13.40 -12.41 24.39
N GLY A 42 13.52 -12.91 23.17
CA GLY A 42 12.84 -12.33 22.03
C GLY A 42 13.38 -11.02 21.50
N ARG A 43 14.65 -10.73 21.77
CA ARG A 43 15.27 -9.55 21.18
C ARG A 43 15.35 -9.68 19.66
N GLY A 44 15.14 -8.57 18.97
CA GLY A 44 15.40 -8.49 17.54
C GLY A 44 14.20 -8.13 16.73
N ILE A 45 14.18 -8.56 15.47
CA ILE A 45 13.10 -8.23 14.56
C ILE A 45 12.16 -9.42 14.47
N HIS A 46 10.92 -9.21 14.89
CA HIS A 46 9.89 -10.24 14.76
C HIS A 46 9.22 -10.05 13.42
N VAL A 47 9.05 -11.16 12.69
CA VAL A 47 8.43 -11.11 11.38
C VAL A 47 7.24 -12.06 11.35
N ILE A 48 6.10 -11.53 10.92
CA ILE A 48 4.90 -12.33 10.74
C ILE A 48 4.48 -12.23 9.29
N VAL A 49 4.11 -13.37 8.70
CA VAL A 49 3.65 -13.41 7.32
C VAL A 49 2.19 -13.87 7.32
N LEU A 50 1.32 -13.10 6.69
CA LEU A 50 -0.10 -13.44 6.62
C LEU A 50 -0.53 -13.79 5.21
N ASN A 51 -1.46 -14.73 5.10
CA ASN A 51 -2.11 -14.98 3.84
C ASN A 51 -2.94 -13.76 3.44
N GLN A 52 -2.79 -13.33 2.20
CA GLN A 52 -3.37 -12.08 1.74
C GLN A 52 -4.89 -12.11 1.47
N ALA A 53 -5.47 -13.31 1.47
CA ALA A 53 -6.91 -13.46 1.28
C ALA A 53 -7.65 -13.73 2.58
N THR A 54 -7.02 -14.48 3.49
CA THR A 54 -7.70 -14.91 4.70
C THR A 54 -7.17 -14.29 5.98
N GLY A 55 -5.95 -13.77 5.92
CA GLY A 55 -5.33 -13.22 7.12
C GLY A 55 -4.71 -14.27 8.03
N HIS A 56 -4.76 -15.54 7.62
CA HIS A 56 -4.15 -16.60 8.42
C HIS A 56 -2.64 -16.44 8.51
N VAL A 57 -2.09 -16.79 9.66
CA VAL A 57 -0.65 -16.67 9.87
C VAL A 57 0.07 -17.81 9.18
N MSE A 58 0.96 -17.47 8.25
CA MSE A 58 1.73 -18.46 7.50
C MSE A 58 3.05 -18.79 8.19
O MSE A 58 3.54 -19.90 8.09
CB MSE A 58 2.01 -17.94 6.10
CG MSE A 58 0.75 -17.66 5.29
SE MSE A 58 -0.18 -19.28 4.79
CE MSE A 58 -1.47 -19.43 6.23
N ALA A 59 3.63 -17.79 8.85
CA ALA A 59 4.93 -17.94 9.48
C ALA A 59 5.13 -16.87 10.55
N LYS A 60 5.84 -17.24 11.60
CA LYS A 60 6.18 -16.33 12.67
C LYS A 60 7.63 -16.64 13.04
N ARG A 61 8.49 -15.64 12.94
CA ARG A 61 9.92 -15.81 13.19
C ARG A 61 10.44 -14.65 14.01
N VAL A 62 11.54 -14.88 14.69
CA VAL A 62 12.28 -13.77 15.30
C VAL A 62 13.74 -13.91 14.90
N PHE A 63 14.33 -12.80 14.48
CA PHE A 63 15.73 -12.76 14.10
C PHE A 63 16.44 -11.80 15.03
N ASP A 64 17.39 -12.31 15.80
CA ASP A 64 18.11 -11.50 16.78
C ASP A 64 19.22 -10.76 16.05
N THR A 65 18.86 -9.70 15.36
CA THR A 65 19.82 -8.97 14.53
C THR A 65 20.72 -8.05 15.35
N TYR A 66 20.60 -8.10 16.67
CA TYR A 66 21.64 -7.55 17.55
C TYR A 66 22.89 -8.45 17.49
N SER A 67 22.69 -9.71 17.12
CA SER A 67 23.76 -10.70 17.12
C SER A 67 24.16 -11.04 15.68
N PRO A 68 25.41 -11.47 15.48
CA PRO A 68 25.90 -11.81 14.14
C PRO A 68 25.13 -12.96 13.50
N HIS A 69 25.03 -12.91 12.16
CA HIS A 69 24.50 -13.98 11.32
C HIS A 69 22.98 -14.06 11.22
N GLU A 70 22.27 -13.42 12.14
CA GLU A 70 20.80 -13.49 12.12
C GLU A 70 20.22 -12.72 10.93
N ASP A 71 20.88 -11.65 10.52
CA ASP A 71 20.42 -10.92 9.34
C ASP A 71 20.48 -11.77 8.07
N GLU A 72 21.47 -12.65 8.01
CA GLU A 72 21.63 -13.55 6.87
C GLU A 72 20.47 -14.54 6.82
N ALA A 73 20.06 -15.04 7.98
CA ALA A 73 18.91 -15.93 8.07
C ALA A 73 17.64 -15.20 7.65
N MSE A 74 17.54 -13.94 8.05
CA MSE A 74 16.36 -13.14 7.74
C MSE A 74 16.24 -12.89 6.24
O MSE A 74 15.14 -12.97 5.67
CB MSE A 74 16.39 -11.81 8.49
CG MSE A 74 15.13 -11.01 8.28
SE MSE A 74 15.17 -9.36 9.26
CE MSE A 74 16.13 -8.32 7.95
N VAL A 75 17.37 -12.60 5.58
CA VAL A 75 17.37 -12.41 4.14
C VAL A 75 16.93 -13.66 3.39
N LEU A 76 17.46 -14.82 3.78
CA LEU A 76 17.04 -16.08 3.17
C LEU A 76 15.53 -16.29 3.34
N PHE A 77 15.04 -16.04 4.54
CA PHE A 77 13.62 -16.21 4.84
C PHE A 77 12.76 -15.27 4.01
N LEU A 78 13.10 -13.98 3.98
CA LEU A 78 12.27 -13.01 3.28
C LEU A 78 12.27 -13.26 1.77
N ASN A 79 13.40 -13.71 1.24
CA ASN A 79 13.47 -14.00 -0.19
C ASN A 79 12.57 -15.15 -0.63
N MSE A 80 12.22 -16.01 0.32
CA MSE A 80 11.34 -17.14 0.00
C MSE A 80 9.85 -16.87 0.22
O MSE A 80 9.01 -17.69 -0.14
CB MSE A 80 11.77 -18.38 0.77
CG MSE A 80 12.99 -19.02 0.18
SE MSE A 80 13.34 -20.71 1.04
CE MSE A 80 13.67 -20.04 2.84
N VAL A 81 9.53 -15.73 0.81
CA VAL A 81 8.13 -15.32 0.97
C VAL A 81 7.57 -14.96 -0.41
N ALA A 82 6.38 -15.46 -0.72
CA ALA A 82 5.79 -15.22 -2.04
C ALA A 82 5.34 -13.77 -2.19
N PRO A 83 5.46 -13.22 -3.41
CA PRO A 83 4.89 -11.91 -3.68
C PRO A 83 3.41 -11.91 -3.32
N GLY A 84 2.94 -10.81 -2.74
CA GLY A 84 1.53 -10.72 -2.40
C GLY A 84 1.23 -11.01 -0.94
N ARG A 85 2.11 -11.74 -0.26
CA ARG A 85 1.92 -11.98 1.18
C ARG A 85 1.96 -10.68 1.93
N VAL A 86 1.27 -10.63 3.05
CA VAL A 86 1.36 -9.48 3.95
C VAL A 86 2.50 -9.71 4.93
N LEU A 87 3.40 -8.73 5.05
CA LEU A 87 4.54 -8.84 5.94
C LEU A 87 4.39 -7.85 7.09
N ILE A 88 4.64 -8.32 8.30
CA ILE A 88 4.60 -7.47 9.48
C ILE A 88 5.94 -7.61 10.20
N CYS A 89 6.59 -6.49 10.50
CA CYS A 89 7.84 -6.51 11.25
C CYS A 89 7.73 -5.62 12.46
N THR A 90 8.32 -6.05 13.56
CA THR A 90 8.36 -5.21 14.74
C THR A 90 9.59 -5.51 15.57
N VAL A 91 10.19 -4.47 16.15
CA VAL A 91 11.44 -4.62 16.87
C VAL A 91 11.22 -4.71 18.39
N LYS A 92 11.91 -5.65 19.03
CA LYS A 92 12.01 -5.67 20.48
C LYS A 92 13.44 -5.39 20.90
N ASP A 93 13.63 -4.35 21.71
CA ASP A 93 14.92 -4.02 22.32
C ASP A 93 15.95 -3.44 21.32
N GLU A 94 16.55 -4.28 20.50
CA GLU A 94 17.59 -3.81 19.60
C GLU A 94 17.60 -4.68 18.36
N GLY A 95 17.55 -4.07 17.18
CA GLY A 95 17.55 -4.86 15.96
C GLY A 95 18.53 -4.40 14.90
N SER A 96 19.43 -3.48 15.24
CA SER A 96 20.26 -2.81 14.24
C SER A 96 21.74 -3.20 14.21
N PHE A 97 22.27 -3.66 15.34
CA PHE A 97 23.73 -3.76 15.50
C PHE A 97 24.34 -4.61 14.39
N HIS A 98 23.73 -5.76 14.12
CA HIS A 98 24.21 -6.63 13.05
C HIS A 98 23.22 -6.75 11.90
N LEU A 99 22.50 -5.66 11.66
CA LEU A 99 21.63 -5.57 10.49
C LEU A 99 22.48 -4.94 9.40
N LYS A 100 23.05 -5.77 8.54
CA LYS A 100 24.04 -5.26 7.61
C LYS A 100 23.45 -4.87 6.26
N ASP A 101 24.31 -4.47 5.33
CA ASP A 101 23.87 -3.78 4.13
C ASP A 101 22.96 -4.60 3.23
N THR A 102 23.21 -5.90 3.12
CA THR A 102 22.36 -6.76 2.30
C THR A 102 20.92 -6.79 2.82
N ALA A 103 20.77 -6.93 4.14
CA ALA A 103 19.45 -6.94 4.75
C ALA A 103 18.77 -5.57 4.62
N LYS A 104 19.53 -4.50 4.81
CA LYS A 104 18.96 -3.17 4.67
C LYS A 104 18.50 -2.90 3.24
N ALA A 105 19.27 -3.38 2.26
CA ALA A 105 18.89 -3.21 0.86
C ALA A 105 17.60 -3.98 0.59
N LEU A 106 17.45 -5.13 1.21
CA LEU A 106 16.25 -5.93 1.02
C LEU A 106 15.02 -5.20 1.59
N LEU A 107 15.18 -4.65 2.79
CA LEU A 107 14.10 -3.86 3.40
C LEU A 107 13.73 -2.66 2.54
N ARG A 108 14.74 -2.04 1.94
CA ARG A 108 14.50 -0.92 1.04
CA ARG A 108 14.50 -0.92 1.04
C ARG A 108 13.67 -1.36 -0.16
N SER A 109 13.97 -2.55 -0.69
CA SER A 109 13.27 -3.10 -1.85
C SER A 109 11.80 -3.37 -1.55
N LEU A 110 11.49 -3.60 -0.28
CA LEU A 110 10.12 -3.85 0.15
C LEU A 110 9.35 -2.54 0.33
N GLY A 111 10.07 -1.43 0.22
CA GLY A 111 9.45 -0.12 0.33
C GLY A 111 9.60 0.54 1.70
N SER A 112 10.28 -0.13 2.62
CA SER A 112 10.49 0.43 3.94
C SER A 112 11.41 1.64 3.88
N GLN A 113 11.02 2.70 4.57
CA GLN A 113 11.86 3.89 4.67
C GLN A 113 12.70 3.85 5.95
N ALA A 114 12.13 3.31 7.03
CA ALA A 114 12.79 3.34 8.33
C ALA A 114 13.72 2.15 8.53
N GLY A 115 13.34 0.99 7.99
CA GLY A 115 14.16 -0.20 8.09
C GLY A 115 15.61 -0.04 7.65
N PRO A 116 15.82 0.51 6.45
CA PRO A 116 17.21 0.69 5.99
C PRO A 116 17.99 1.71 6.83
N ALA A 117 17.27 2.50 7.63
CA ALA A 117 17.90 3.53 8.45
C ALA A 117 17.89 3.15 9.92
N LEU A 118 17.51 1.91 10.23
CA LEU A 118 17.37 1.49 11.62
C LEU A 118 18.67 1.64 12.40
N GLY A 119 18.57 2.27 13.57
CA GLY A 119 19.73 2.54 14.39
C GLY A 119 19.62 1.92 15.77
N TRP A 120 20.64 2.18 16.58
CA TRP A 120 20.78 1.59 17.91
C TRP A 120 19.58 1.82 18.81
N ARG A 121 18.90 0.73 19.17
CA ARG A 121 17.76 0.76 20.10
C ARG A 121 16.55 1.55 19.59
N ASP A 122 16.50 1.80 18.29
CA ASP A 122 15.33 2.38 17.66
C ASP A 122 14.17 1.39 17.75
N THR A 123 12.95 1.91 17.83
CA THR A 123 11.75 1.09 17.70
C THR A 123 11.18 1.22 16.29
N TRP A 124 10.49 0.20 15.82
CA TRP A 124 10.07 0.16 14.42
C TRP A 124 8.95 -0.85 14.25
N ALA A 125 7.89 -0.42 13.57
CA ALA A 125 6.79 -1.30 13.20
C ALA A 125 6.48 -1.07 11.72
N PHE A 126 6.20 -2.16 11.00
CA PHE A 126 6.07 -2.10 9.55
C PHE A 126 5.00 -3.09 9.11
N VAL A 127 4.11 -2.64 8.22
CA VAL A 127 3.13 -3.54 7.61
C VAL A 127 3.12 -3.25 6.12
N GLY A 128 3.39 -4.27 5.30
CA GLY A 128 3.43 -4.07 3.87
C GLY A 128 3.13 -5.36 3.11
N ARG A 129 2.91 -5.21 1.82
CA ARG A 129 2.70 -6.35 0.94
C ARG A 129 4.01 -6.63 0.24
N LYS A 130 4.42 -7.89 0.17
CA LYS A 130 5.63 -8.20 -0.57
C LYS A 130 5.41 -7.92 -2.06
N GLY A 131 6.19 -7.01 -2.61
CA GLY A 131 5.99 -6.55 -3.96
C GLY A 131 5.36 -5.17 -3.94
N GLY A 132 5.04 -4.69 -2.74
CA GLY A 132 4.48 -3.35 -2.56
C GLY A 132 2.98 -3.38 -2.67
N PRO A 133 2.30 -2.36 -2.14
CA PRO A 133 2.85 -1.19 -1.45
C PRO A 133 2.99 -1.39 0.07
N VAL A 134 3.60 -0.42 0.72
CA VAL A 134 3.67 -0.38 2.18
C VAL A 134 2.36 0.20 2.70
N PHE A 135 1.77 -0.45 3.71
CA PHE A 135 0.49 0.04 4.24
C PHE A 135 0.66 0.97 5.41
N GLY A 136 1.68 0.73 6.23
CA GLY A 136 1.95 1.60 7.36
C GLY A 136 3.33 1.35 7.89
N GLU A 137 3.93 2.38 8.47
CA GLU A 137 5.25 2.24 9.06
C GLU A 137 5.45 3.34 10.09
N LYS A 138 6.00 2.97 11.24
CA LYS A 138 6.32 3.93 12.29
C LYS A 138 7.70 3.64 12.86
N HIS A 139 8.40 4.68 13.29
CA HIS A 139 9.79 4.55 13.72
C HIS A 139 10.06 5.61 14.77
N SER A 140 10.71 5.21 15.86
CA SER A 140 11.17 6.18 16.86
C SER A 140 12.66 6.03 17.07
N LYS A 141 13.40 7.10 16.87
CA LYS A 141 14.85 7.06 17.06
C LYS A 141 15.21 7.18 18.54
N SER A 142 16.11 6.31 19.00
CA SER A 142 16.62 6.44 20.36
C SER A 142 17.37 7.76 20.50
N PRO A 143 17.13 8.48 21.61
CA PRO A 143 17.73 9.80 21.80
C PRO A 143 19.18 9.75 22.29
N ALA A 144 19.61 8.59 22.77
CA ALA A 144 20.95 8.45 23.34
C ALA A 144 21.35 6.99 23.43
N LEU A 145 22.65 6.72 23.48
CA LEU A 145 23.13 5.33 23.51
C LEU A 145 22.60 4.54 24.70
N SER A 146 22.33 5.22 25.80
CA SER A 146 21.85 4.55 27.00
C SER A 146 20.33 4.45 27.05
N SER A 147 19.65 4.87 25.99
CA SER A 147 18.18 4.88 25.98
C SER A 147 17.62 4.13 24.79
N TRP A 148 16.30 3.92 24.79
CA TRP A 148 15.60 3.28 23.69
C TRP A 148 14.66 4.28 23.04
N GLY A 149 14.28 4.00 21.79
CA GLY A 149 13.24 4.77 21.12
C GLY A 149 11.94 4.65 21.89
N ASP A 150 11.05 5.62 21.70
CA ASP A 150 9.73 5.57 22.34
C ASP A 150 8.95 4.39 21.79
N PRO A 151 8.06 3.81 22.60
CA PRO A 151 7.21 2.75 22.06
C PRO A 151 6.40 3.27 20.89
N VAL A 152 6.26 2.45 19.85
CA VAL A 152 5.42 2.82 18.72
C VAL A 152 4.28 1.84 18.56
N LEU A 153 3.09 2.39 18.33
CA LEU A 153 1.89 1.61 18.11
C LEU A 153 1.36 2.01 16.74
N LEU A 154 1.41 1.05 15.82
CA LEU A 154 0.97 1.25 14.45
C LEU A 154 -0.37 0.54 14.28
N LYS A 155 -1.38 1.28 13.86
CA LYS A 155 -2.67 0.69 13.53
C LYS A 155 -2.97 0.99 12.08
N THR A 156 -3.22 -0.05 11.30
CA THR A 156 -3.47 0.16 9.88
C THR A 156 -4.45 -0.86 9.33
N ASP A 157 -5.17 -0.47 8.29
CA ASP A 157 -6.09 -1.37 7.62
C ASP A 157 -5.41 -1.94 6.39
N VAL A 158 -5.46 -3.27 6.25
CA VAL A 158 -4.82 -3.96 5.15
C VAL A 158 -5.88 -4.52 4.22
N PRO A 159 -5.83 -4.15 2.94
CA PRO A 159 -6.82 -4.69 2.00
C PRO A 159 -6.58 -6.17 1.76
N LEU A 160 -7.66 -6.95 1.69
CA LEU A 160 -7.56 -8.37 1.38
C LEU A 160 -7.79 -8.62 -0.09
N SER A 161 -7.13 -9.64 -0.63
CA SER A 161 -7.39 -10.07 -1.99
C SER A 161 -8.59 -11.00 -1.99
N SER A 162 -9.30 -11.05 -3.10
CA SER A 162 -10.55 -11.81 -3.16
C SER A 162 -10.42 -13.03 -4.05
N ALA A 163 -11.10 -14.10 -3.67
CA ALA A 163 -11.08 -15.35 -4.44
C ALA A 163 -11.72 -15.17 -5.80
N ARG B 11 2.06 -9.53 -25.18
CA ARG B 11 1.83 -10.29 -23.96
C ARG B 11 0.79 -9.62 -23.07
N VAL B 12 1.04 -9.68 -21.76
CA VAL B 12 0.10 -9.19 -20.76
C VAL B 12 0.81 -8.36 -19.69
N LEU B 13 0.20 -7.23 -19.32
CA LEU B 13 0.71 -6.38 -18.24
C LEU B 13 0.08 -6.73 -16.91
N ASP B 14 0.92 -6.77 -15.87
CA ASP B 14 0.46 -6.93 -14.50
C ASP B 14 0.27 -5.54 -13.92
N VAL B 15 -0.97 -5.17 -13.62
CA VAL B 15 -1.27 -3.84 -13.12
C VAL B 15 -1.82 -3.92 -11.70
N GLU B 16 -1.22 -3.15 -10.80
CA GLU B 16 -1.68 -3.08 -9.41
C GLU B 16 -2.08 -1.65 -9.09
N VAL B 17 -3.27 -1.49 -8.53
CA VAL B 17 -3.80 -0.16 -8.25
C VAL B 17 -4.33 -0.09 -6.83
N TYR B 18 -3.89 0.91 -6.08
CA TYR B 18 -4.24 1.03 -4.66
C TYR B 18 -4.86 2.40 -4.44
N SER B 19 -6.01 2.40 -3.77
CA SER B 19 -6.73 3.63 -3.42
C SER B 19 -7.01 3.62 -1.93
N SER B 20 -6.72 4.74 -1.27
CA SER B 20 -6.95 4.83 0.17
C SER B 20 -7.03 6.27 0.61
N ARG B 21 -7.36 6.47 1.88
CA ARG B 21 -7.44 7.79 2.47
C ARG B 21 -6.15 8.61 2.27
N SER B 22 -5.00 7.98 2.45
CA SER B 22 -3.76 8.73 2.61
C SER B 22 -2.73 8.47 1.53
N LYS B 23 -3.02 7.54 0.62
CA LYS B 23 -2.00 7.08 -0.29
C LYS B 23 -2.60 6.44 -1.54
N VAL B 24 -2.04 6.78 -2.69
CA VAL B 24 -2.32 6.01 -3.90
C VAL B 24 -1.02 5.40 -4.42
N TYR B 25 -1.16 4.30 -5.14
CA TYR B 25 -0.02 3.53 -5.62
C TYR B 25 -0.45 2.83 -6.89
N VAL B 26 0.37 2.94 -7.93
CA VAL B 26 0.14 2.17 -9.14
C VAL B 26 1.44 1.56 -9.58
N ALA B 27 1.42 0.26 -9.87
CA ALA B 27 2.58 -0.44 -10.39
C ALA B 27 2.20 -1.14 -11.69
N VAL B 28 3.11 -1.13 -12.65
CA VAL B 28 2.92 -1.85 -13.90
C VAL B 28 4.11 -2.78 -14.09
N ASP B 29 3.82 -4.08 -14.15
CA ASP B 29 4.87 -5.10 -14.22
C ASP B 29 5.89 -4.96 -13.10
N GLY B 30 5.42 -4.64 -11.91
CA GLY B 30 6.29 -4.54 -10.75
C GLY B 30 7.16 -3.30 -10.70
N THR B 31 6.89 -2.35 -11.59
CA THR B 31 7.56 -1.05 -11.55
C THR B 31 6.57 0.01 -11.09
N THR B 32 6.92 0.78 -10.08
CA THR B 32 6.02 1.80 -9.55
C THR B 32 5.96 2.98 -10.49
N VAL B 33 4.75 3.32 -10.96
CA VAL B 33 4.60 4.47 -11.84
C VAL B 33 3.95 5.65 -11.13
N LEU B 34 3.33 5.37 -9.99
CA LEU B 34 2.73 6.41 -9.17
C LEU B 34 2.78 5.98 -7.72
N GLU B 35 3.27 6.86 -6.86
CA GLU B 35 3.15 6.68 -5.43
C GLU B 35 3.06 8.06 -4.81
N ASP B 36 1.92 8.34 -4.20
CA ASP B 36 1.66 9.64 -3.60
C ASP B 36 1.12 9.41 -2.20
N GLU B 37 1.94 9.74 -1.21
CA GLU B 37 1.57 9.58 0.20
C GLU B 37 1.67 10.92 0.92
N ALA B 38 1.82 11.98 0.15
CA ALA B 38 1.98 13.32 0.72
C ALA B 38 0.75 13.71 1.51
N ARG B 39 0.95 14.05 2.78
CA ARG B 39 -0.13 14.60 3.57
C ARG B 39 -0.44 15.97 2.99
N GLU B 40 -1.71 16.37 3.05
CA GLU B 40 -2.19 17.63 2.46
C GLU B 40 -1.65 17.95 1.05
N GLN B 41 -1.74 16.97 0.14
CA GLN B 41 -1.33 17.13 -1.26
C GLN B 41 -1.82 15.95 -2.10
N GLY B 42 -2.14 16.20 -3.37
CA GLY B 42 -2.49 15.14 -4.31
C GLY B 42 -3.85 14.50 -4.08
N ARG B 43 -4.72 15.23 -3.39
CA ARG B 43 -6.10 14.79 -3.21
C ARG B 43 -6.82 14.68 -4.55
N GLY B 44 -7.65 13.66 -4.70
CA GLY B 44 -8.54 13.61 -5.83
C GLY B 44 -8.43 12.36 -6.66
N ILE B 45 -8.81 12.47 -7.93
CA ILE B 45 -8.76 11.33 -8.83
C ILE B 45 -7.48 11.40 -9.65
N HIS B 46 -6.63 10.39 -9.49
CA HIS B 46 -5.42 10.27 -10.28
C HIS B 46 -5.74 9.46 -11.54
N VAL B 47 -5.27 9.96 -12.68
CA VAL B 47 -5.53 9.30 -13.95
C VAL B 47 -4.22 9.02 -14.65
N ILE B 48 -4.03 7.77 -15.07
CA ILE B 48 -2.84 7.38 -15.82
C ILE B 48 -3.28 6.78 -17.15
N VAL B 49 -2.64 7.23 -18.22
CA VAL B 49 -2.95 6.71 -19.54
C VAL B 49 -1.77 5.89 -20.04
N LEU B 50 -2.04 4.65 -20.42
CA LEU B 50 -1.00 3.77 -20.95
C LEU B 50 -1.18 3.56 -22.44
N ASN B 51 -0.07 3.50 -23.15
CA ASN B 51 -0.06 3.07 -24.54
C ASN B 51 -0.43 1.59 -24.56
N GLN B 52 -1.44 1.25 -25.35
CA GLN B 52 -1.99 -0.10 -25.36
C GLN B 52 -1.09 -1.12 -26.06
N ALA B 53 -0.09 -0.65 -26.79
CA ALA B 53 0.81 -1.55 -27.51
C ALA B 53 2.10 -1.81 -26.73
N THR B 54 2.57 -0.80 -26.00
CA THR B 54 3.86 -0.91 -25.32
C THR B 54 3.71 -1.00 -23.80
N GLY B 55 2.60 -0.52 -23.28
CA GLY B 55 2.40 -0.49 -21.84
C GLY B 55 3.09 0.69 -21.20
N HIS B 56 3.66 1.56 -22.02
CA HIS B 56 4.34 2.75 -21.53
C HIS B 56 3.36 3.80 -21.05
N VAL B 57 3.73 4.52 -19.99
CA VAL B 57 2.91 5.63 -19.51
C VAL B 57 3.01 6.82 -20.45
N MSE B 58 1.86 7.26 -20.95
CA MSE B 58 1.81 8.44 -21.82
C MSE B 58 1.59 9.72 -21.03
O MSE B 58 2.16 10.76 -21.36
CB MSE B 58 0.71 8.30 -22.87
CG MSE B 58 0.91 7.13 -23.79
SE MSE B 58 -0.49 7.05 -25.12
CE MSE B 58 -0.18 8.73 -26.03
N ALA B 59 0.74 9.65 -20.01
CA ALA B 59 0.41 10.83 -19.22
C ALA B 59 -0.08 10.43 -17.85
N LYS B 60 0.23 11.28 -16.87
CA LYS B 60 -0.26 11.14 -15.51
C LYS B 60 -0.85 12.48 -15.11
N ARG B 61 -2.03 12.45 -14.51
CA ARG B 61 -2.72 13.66 -14.06
C ARG B 61 -3.36 13.41 -12.72
N VAL B 62 -3.63 14.48 -11.99
CA VAL B 62 -4.49 14.40 -10.82
C VAL B 62 -5.48 15.55 -10.88
N PHE B 63 -6.74 15.25 -10.59
CA PHE B 63 -7.80 16.24 -10.59
C PHE B 63 -8.42 16.25 -9.21
N ASP B 64 -8.37 17.40 -8.55
CA ASP B 64 -8.89 17.54 -7.21
C ASP B 64 -10.40 17.79 -7.26
N THR B 65 -11.15 16.73 -7.53
CA THR B 65 -12.58 16.85 -7.80
C THR B 65 -13.40 17.01 -6.52
N TYR B 66 -12.72 17.00 -5.39
CA TYR B 66 -13.31 17.48 -4.15
C TYR B 66 -13.60 18.99 -4.27
N SER B 67 -12.78 19.68 -5.06
CA SER B 67 -12.86 21.14 -5.19
C SER B 67 -13.64 21.52 -6.44
N PRO B 68 -14.30 22.68 -6.42
CA PRO B 68 -15.09 23.10 -7.58
C PRO B 68 -14.28 23.21 -8.86
N HIS B 69 -14.89 22.75 -9.96
CA HIS B 69 -14.44 23.00 -11.32
C HIS B 69 -13.28 22.14 -11.83
N GLU B 70 -12.65 21.36 -10.93
CA GLU B 70 -11.55 20.49 -11.34
C GLU B 70 -12.05 19.38 -12.26
N ASP B 71 -13.33 19.01 -12.10
CA ASP B 71 -13.90 17.97 -12.93
C ASP B 71 -13.99 18.36 -14.40
N GLU B 72 -14.10 19.66 -14.68
CA GLU B 72 -14.16 20.14 -16.06
C GLU B 72 -12.82 19.92 -16.76
N ALA B 73 -11.73 20.09 -16.02
CA ALA B 73 -10.40 19.78 -16.55
C ALA B 73 -10.24 18.28 -16.81
N MSE B 74 -10.83 17.46 -15.94
CA MSE B 74 -10.77 16.02 -16.11
C MSE B 74 -11.52 15.60 -17.36
O MSE B 74 -11.04 14.75 -18.13
CB MSE B 74 -11.33 15.31 -14.88
CG MSE B 74 -11.18 13.81 -15.00
SE MSE B 74 -11.80 12.88 -13.43
CE MSE B 74 -13.69 13.04 -13.75
N VAL B 75 -12.69 16.18 -17.57
CA VAL B 75 -13.50 15.90 -18.76
C VAL B 75 -12.74 16.22 -20.05
N LEU B 76 -12.11 17.39 -20.10
CA LEU B 76 -11.32 17.78 -21.27
C LEU B 76 -10.20 16.79 -21.56
N PHE B 77 -9.50 16.38 -20.50
CA PHE B 77 -8.42 15.43 -20.62
C PHE B 77 -8.89 14.06 -21.09
N LEU B 78 -9.95 13.53 -20.46
CA LEU B 78 -10.45 12.22 -20.83
C LEU B 78 -10.98 12.18 -22.25
N ASN B 79 -11.53 13.31 -22.71
CA ASN B 79 -12.03 13.38 -24.06
C ASN B 79 -10.94 13.33 -25.13
N MSE B 80 -9.72 13.69 -24.75
CA MSE B 80 -8.60 13.64 -25.69
C MSE B 80 -7.92 12.28 -25.74
O MSE B 80 -7.08 12.03 -26.60
CB MSE B 80 -7.57 14.71 -25.34
CG MSE B 80 -8.13 16.10 -25.37
SE MSE B 80 -6.69 17.36 -25.20
CE MSE B 80 -7.73 18.95 -24.76
N VAL B 81 -8.28 11.39 -24.83
CA VAL B 81 -7.70 10.05 -24.83
C VAL B 81 -8.26 9.28 -26.02
N ALA B 82 -7.37 8.66 -26.80
CA ALA B 82 -7.77 7.90 -27.97
C ALA B 82 -8.51 6.65 -27.57
N PRO B 83 -9.49 6.22 -28.40
CA PRO B 83 -10.06 4.90 -28.20
C PRO B 83 -8.95 3.88 -28.29
N GLY B 84 -8.96 2.90 -27.41
CA GLY B 84 -7.95 1.87 -27.42
C GLY B 84 -6.91 2.05 -26.33
N ARG B 85 -6.78 3.26 -25.80
CA ARG B 85 -5.84 3.48 -24.69
C ARG B 85 -6.31 2.77 -23.43
N VAL B 86 -5.37 2.45 -22.56
CA VAL B 86 -5.70 1.88 -21.26
C VAL B 86 -5.70 3.00 -20.23
N LEU B 87 -6.77 3.09 -19.46
CA LEU B 87 -6.89 4.12 -18.44
C LEU B 87 -6.85 3.49 -17.07
N ILE B 88 -6.12 4.12 -16.16
CA ILE B 88 -6.11 3.74 -14.75
C ILE B 88 -6.59 4.95 -13.94
N CYS B 89 -7.56 4.73 -13.06
CA CYS B 89 -8.01 5.77 -12.15
C CYS B 89 -7.92 5.29 -10.72
N THR B 90 -7.50 6.16 -9.82
CA THR B 90 -7.47 5.83 -8.42
C THR B 90 -7.65 7.08 -7.56
N VAL B 91 -8.39 6.95 -6.46
CA VAL B 91 -8.73 8.08 -5.61
C VAL B 91 -7.80 8.16 -4.39
N LYS B 92 -7.29 9.36 -4.12
CA LYS B 92 -6.65 9.63 -2.84
C LYS B 92 -7.55 10.56 -2.04
N ASP B 93 -7.94 10.13 -0.84
CA ASP B 93 -8.69 10.94 0.12
C ASP B 93 -10.16 11.15 -0.29
N GLU B 94 -10.42 11.97 -1.30
CA GLU B 94 -11.78 12.33 -1.63
C GLU B 94 -11.84 12.76 -3.08
N GLY B 95 -12.76 12.19 -3.86
CA GLY B 95 -12.88 12.55 -5.25
C GLY B 95 -14.28 12.84 -5.74
N SER B 96 -15.24 12.92 -4.82
CA SER B 96 -16.64 13.05 -5.22
C SER B 96 -17.27 14.41 -5.00
N PHE B 97 -16.71 15.22 -4.10
CA PHE B 97 -17.51 16.30 -3.50
C PHE B 97 -18.06 17.32 -4.51
N HIS B 98 -17.24 17.69 -5.48
CA HIS B 98 -17.70 18.57 -6.55
C HIS B 98 -17.61 17.90 -7.92
N LEU B 99 -17.80 16.58 -7.94
CA LEU B 99 -17.78 15.81 -9.18
C LEU B 99 -19.19 15.86 -9.75
N LYS B 100 -19.38 16.65 -10.81
CA LYS B 100 -20.73 16.91 -11.32
C LYS B 100 -21.25 15.82 -12.23
N ASP B 101 -22.53 15.92 -12.54
CA ASP B 101 -23.26 14.97 -13.37
C ASP B 101 -22.58 14.69 -14.72
N THR B 102 -22.09 15.75 -15.36
CA THR B 102 -21.43 15.61 -16.66
C THR B 102 -20.22 14.69 -16.60
N ALA B 103 -19.36 14.93 -15.61
CA ALA B 103 -18.16 14.11 -15.41
C ALA B 103 -18.56 12.67 -15.05
N LYS B 104 -19.59 12.52 -14.22
CA LYS B 104 -20.05 11.17 -13.88
C LYS B 104 -20.55 10.41 -15.10
N ALA B 105 -21.23 11.11 -15.99
CA ALA B 105 -21.73 10.48 -17.23
C ALA B 105 -20.56 10.00 -18.10
N LEU B 106 -19.48 10.77 -18.10
CA LEU B 106 -18.30 10.38 -18.88
C LEU B 106 -17.67 9.12 -18.27
N LEU B 107 -17.58 9.08 -16.94
CA LEU B 107 -17.05 7.89 -16.27
C LEU B 107 -17.92 6.68 -16.59
N ARG B 108 -19.23 6.88 -16.62
CA ARG B 108 -20.15 5.82 -17.01
C ARG B 108 -19.85 5.33 -18.44
N SER B 109 -19.59 6.26 -19.35
CA SER B 109 -19.32 5.89 -20.75
C SER B 109 -18.06 5.03 -20.87
N LEU B 110 -17.14 5.18 -19.92
CA LEU B 110 -15.92 4.38 -19.91
C LEU B 110 -16.16 2.98 -19.34
N GLY B 111 -17.36 2.74 -18.83
CA GLY B 111 -17.73 1.43 -18.34
C GLY B 111 -17.63 1.30 -16.83
N SER B 112 -17.29 2.39 -16.16
CA SER B 112 -17.16 2.35 -14.71
C SER B 112 -18.52 2.22 -14.04
N GLN B 113 -18.62 1.29 -13.08
CA GLN B 113 -19.82 1.16 -12.25
C GLN B 113 -19.79 2.10 -11.06
N ALA B 114 -18.60 2.30 -10.49
CA ALA B 114 -18.46 3.05 -9.25
C ALA B 114 -18.34 4.56 -9.47
N GLY B 115 -17.65 4.95 -10.54
CA GLY B 115 -17.47 6.35 -10.85
C GLY B 115 -18.73 7.19 -10.86
N PRO B 116 -19.77 6.73 -11.57
CA PRO B 116 -21.01 7.53 -11.59
C PRO B 116 -21.75 7.54 -10.25
N ALA B 117 -21.37 6.66 -9.34
CA ALA B 117 -22.00 6.58 -8.03
C ALA B 117 -21.09 7.08 -6.91
N LEU B 118 -19.94 7.64 -7.27
CA LEU B 118 -18.91 7.97 -6.29
C LEU B 118 -19.44 8.93 -5.23
N GLY B 119 -19.21 8.57 -3.97
CA GLY B 119 -19.70 9.33 -2.84
C GLY B 119 -18.56 9.79 -1.93
N TRP B 120 -18.95 10.47 -0.87
CA TRP B 120 -18.04 11.11 0.07
C TRP B 120 -16.98 10.16 0.65
N ARG B 121 -15.72 10.44 0.32
CA ARG B 121 -14.57 9.70 0.84
C ARG B 121 -14.57 8.22 0.48
N ASP B 122 -15.30 7.85 -0.57
CA ASP B 122 -15.21 6.50 -1.12
C ASP B 122 -13.83 6.28 -1.71
N THR B 123 -13.35 5.05 -1.65
CA THR B 123 -12.14 4.67 -2.36
C THR B 123 -12.54 4.00 -3.66
N TRP B 124 -11.68 4.09 -4.67
CA TRP B 124 -12.04 3.62 -6.00
C TRP B 124 -10.77 3.35 -6.80
N ALA B 125 -10.71 2.18 -7.43
CA ALA B 125 -9.62 1.81 -8.32
C ALA B 125 -10.24 1.26 -9.59
N PHE B 126 -9.76 1.68 -10.75
CA PHE B 126 -10.36 1.33 -12.03
C PHE B 126 -9.28 1.15 -13.09
N VAL B 127 -9.40 0.09 -13.88
CA VAL B 127 -8.53 -0.11 -15.04
C VAL B 127 -9.41 -0.55 -16.19
N GLY B 128 -9.32 0.15 -17.32
CA GLY B 128 -10.18 -0.18 -18.43
C GLY B 128 -9.64 0.37 -19.73
N ARG B 129 -10.09 -0.20 -20.84
CA ARG B 129 -9.73 0.31 -22.15
C ARG B 129 -10.80 1.28 -22.58
N LYS B 130 -10.40 2.44 -23.11
CA LYS B 130 -11.39 3.37 -23.66
C LYS B 130 -12.01 2.76 -24.91
N GLY B 131 -13.32 2.49 -24.83
CA GLY B 131 -14.02 1.77 -25.86
C GLY B 131 -14.46 0.40 -25.37
N GLY B 132 -13.93 0.00 -24.22
CA GLY B 132 -14.23 -1.29 -23.62
C GLY B 132 -13.19 -2.33 -23.98
N PRO B 133 -13.04 -3.37 -23.15
CA PRO B 133 -13.79 -3.62 -21.91
C PRO B 133 -13.13 -3.00 -20.68
N VAL B 134 -13.84 -3.10 -19.56
CA VAL B 134 -13.24 -2.84 -18.24
C VAL B 134 -12.40 -4.06 -17.86
N PHE B 135 -11.20 -3.82 -17.35
CA PHE B 135 -10.35 -4.92 -16.89
C PHE B 135 -10.53 -5.21 -15.41
N GLY B 136 -10.74 -4.18 -14.61
CA GLY B 136 -11.02 -4.39 -13.21
C GLY B 136 -11.51 -3.12 -12.53
N GLU B 137 -12.27 -3.29 -11.46
CA GLU B 137 -12.76 -2.15 -10.71
C GLU B 137 -13.03 -2.55 -9.26
N LYS B 138 -12.59 -1.72 -8.32
CA LYS B 138 -12.93 -1.92 -6.92
C LYS B 138 -13.40 -0.61 -6.31
N HIS B 139 -14.29 -0.72 -5.33
CA HIS B 139 -14.93 0.46 -4.75
C HIS B 139 -15.31 0.13 -3.33
N SER B 140 -15.02 1.05 -2.41
CA SER B 140 -15.50 0.89 -1.04
C SER B 140 -16.19 2.17 -0.59
N LYS B 141 -17.41 2.04 -0.07
CA LYS B 141 -18.16 3.18 0.43
C LYS B 141 -17.71 3.58 1.82
N SER B 142 -17.56 4.87 2.05
CA SER B 142 -17.32 5.35 3.41
C SER B 142 -18.56 5.11 4.25
N PRO B 143 -18.37 4.63 5.50
CA PRO B 143 -19.47 4.30 6.41
C PRO B 143 -20.00 5.51 7.19
N ALA B 144 -19.25 6.60 7.20
CA ALA B 144 -19.64 7.77 8.00
C ALA B 144 -18.94 9.02 7.50
N LEU B 145 -19.50 10.19 7.84
CA LEU B 145 -18.94 11.47 7.39
C LEU B 145 -17.46 11.60 7.79
N SER B 146 -17.13 11.16 9.00
CA SER B 146 -15.77 11.29 9.49
C SER B 146 -14.90 10.08 9.16
N SER B 147 -15.40 9.20 8.30
CA SER B 147 -14.63 8.02 7.92
C SER B 147 -14.37 7.97 6.43
N TRP B 148 -13.42 7.13 6.04
CA TRP B 148 -13.12 6.89 4.64
C TRP B 148 -13.54 5.48 4.26
N GLY B 149 -13.69 5.24 2.97
CA GLY B 149 -13.84 3.88 2.48
C GLY B 149 -12.63 3.04 2.85
N ASP B 150 -12.81 1.73 2.87
CA ASP B 150 -11.70 0.82 3.13
C ASP B 150 -10.68 0.94 2.00
N PRO B 151 -9.39 0.78 2.33
CA PRO B 151 -8.41 0.74 1.25
C PRO B 151 -8.74 -0.41 0.29
N VAL B 152 -8.54 -0.19 -1.01
CA VAL B 152 -8.75 -1.25 -1.99
C VAL B 152 -7.50 -1.44 -2.82
N LEU B 153 -7.20 -2.70 -3.12
CA LEU B 153 -6.05 -3.01 -3.94
C LEU B 153 -6.52 -3.88 -5.08
N LEU B 154 -6.48 -3.32 -6.27
CA LEU B 154 -6.92 -3.99 -7.48
C LEU B 154 -5.69 -4.54 -8.20
N LYS B 155 -5.74 -5.82 -8.54
CA LYS B 155 -4.67 -6.43 -9.31
C LYS B 155 -5.31 -7.12 -10.50
N THR B 156 -4.87 -6.75 -11.71
CA THR B 156 -5.50 -7.29 -12.91
C THR B 156 -4.51 -7.38 -14.07
N ASP B 157 -4.89 -8.19 -15.06
CA ASP B 157 -4.12 -8.34 -16.29
C ASP B 157 -4.64 -7.41 -17.37
N VAL B 158 -3.72 -6.79 -18.09
CA VAL B 158 -4.08 -6.03 -19.26
C VAL B 158 -3.35 -6.57 -20.48
N PRO B 159 -4.10 -7.18 -21.42
CA PRO B 159 -3.46 -7.68 -22.64
C PRO B 159 -2.97 -6.51 -23.50
N LEU B 160 -1.79 -6.65 -24.09
CA LEU B 160 -1.28 -5.63 -25.01
C LEU B 160 -1.78 -5.89 -26.41
N SER B 161 -1.89 -4.83 -27.21
CA SER B 161 -2.29 -4.97 -28.60
C SER B 161 -1.06 -4.90 -29.49
N SER B 162 -1.21 -5.36 -30.73
CA SER B 162 -0.15 -5.25 -31.71
C SER B 162 -0.25 -3.92 -32.45
N ALA B 163 -1.20 -3.10 -32.01
CA ALA B 163 -1.42 -1.78 -32.61
C ALA B 163 -0.31 -0.80 -32.23
C1 MBE C . 22.97 -4.37 26.36
C2 MBE C . 22.04 -5.10 27.32
C3 MBE C . 21.25 -6.17 26.56
C4 MBE C . 20.54 -5.52 25.38
C5 MBE C . 21.55 -4.80 24.49
C6 MBE C . 20.89 -4.08 23.32
C7 MBE C . 24.70 -2.71 26.60
C8 MBE C . 25.21 -3.02 25.33
C9 MBE C . 26.39 -2.42 24.92
C10 MBE C . 27.03 -1.50 25.74
C11 MBE C . 26.51 -1.19 26.99
C12 MBE C . 25.34 -1.80 27.42
N1 MBE C . 28.21 -0.87 25.35
O1 MBE C . 23.55 -3.29 27.06
O2 MBE C . 21.13 -4.15 27.91
O3 MBE C . 20.29 -6.76 27.45
O4 MBE C . 19.85 -6.54 24.63
O5 MBE C . 22.25 -3.82 25.26
O6 MBE C . 19.92 -3.13 23.81
O7 MBE C . 28.84 -0.02 26.24
O8 MBE C . 28.75 -1.12 24.10
C1 MBE D . -12.09 18.05 4.80
C2 MBE D . -10.69 18.01 5.39
C3 MBE D . -9.66 17.88 4.28
C4 MBE D . -9.98 16.66 3.42
C5 MBE D . -11.41 16.76 2.91
C6 MBE D . -11.83 15.55 2.10
C7 MBE D . -14.35 18.26 5.65
C8 MBE D . -15.28 17.86 6.59
C9 MBE D . -16.63 18.10 6.38
C10 MBE D . -17.04 18.76 5.22
C11 MBE D . -16.10 19.17 4.28
C12 MBE D . -14.76 18.93 4.50
N1 MBE D . -18.39 19.01 5.02
O1 MBE D . -13.02 18.03 5.86
O2 MBE D . -10.59 16.89 6.29
O3 MBE D . -8.36 17.77 4.86
O4 MBE D . -9.10 16.60 2.31
O5 MBE D . -12.30 16.88 4.02
O6 MBE D . -11.64 14.37 2.89
O7 MBE D . -18.77 19.87 4.01
O8 MBE D . -19.34 18.39 5.81
#